data_3IA4
#
_entry.id   3IA4
#
_cell.length_a   183.870
_cell.length_b   44.990
_cell.length_c   97.370
_cell.angle_alpha   90.00
_cell.angle_beta   114.82
_cell.angle_gamma   90.00
#
_symmetry.space_group_name_H-M   'C 1 2 1'
#
loop_
_entity.id
_entity.type
_entity.pdbx_description
1 polymer 'Dihydrofolate reductase'
2 non-polymer 'NADPH DIHYDRO-NICOTINAMIDE-ADENINE-DINUCLEOTIDE PHOSPHATE'
3 non-polymer METHOTREXATE
4 water water
#
_entity_poly.entity_id   1
_entity_poly.type   'polypeptide(L)'
_entity_poly.pdbx_seq_one_letter_code
;MIVSMIAALANNRVIGLDNKMPWHLPAELQLFKRATLGKPIVMGRNTFESIGRPLPGRLNIVLSRQTDYQPEGVTVVATL
EDAVVAAGDVEELMIIGGATIYNQCLAAADRLYLTHIELTTEGDTWFPDYEQYNWQEIEHESYAADDKNPHNYRFSLLER
VK
;
_entity_poly.pdbx_strand_id   A,B,C,D
#
# COMPACT_ATOMS: atom_id res chain seq x y z
N MET A 1 1.76 -8.93 4.61
CA MET A 1 1.28 -7.53 4.50
C MET A 1 2.25 -6.65 3.73
N ILE A 2 1.76 -6.01 2.70
CA ILE A 2 2.59 -5.07 1.93
C ILE A 2 2.60 -3.78 2.71
N VAL A 3 3.78 -3.19 2.89
CA VAL A 3 3.87 -1.87 3.51
C VAL A 3 4.01 -0.82 2.45
N SER A 4 2.98 0.00 2.30
CA SER A 4 2.97 1.02 1.25
C SER A 4 2.92 2.42 1.82
N MET A 5 3.49 3.43 1.12
CA MET A 5 3.31 4.79 1.56
C MET A 5 2.70 5.53 0.38
N ILE A 6 1.85 6.48 0.67
CA ILE A 6 1.13 7.23 -0.40
C ILE A 6 1.33 8.69 -0.07
N ALA A 7 1.72 9.48 -1.09
CA ALA A 7 1.96 10.91 -0.89
C ALA A 7 1.79 11.66 -2.18
N ALA A 8 1.50 12.97 -2.08
CA ALA A 8 1.47 13.82 -3.28
C ALA A 8 2.63 14.84 -3.16
N LEU A 9 3.50 14.82 -4.16
CA LEU A 9 4.74 15.67 -4.14
C LEU A 9 4.68 16.74 -5.20
N ALA A 10 4.87 17.99 -4.80
CA ALA A 10 5.17 19.00 -5.81
C ALA A 10 6.68 18.92 -6.15
N ASN A 11 7.19 19.88 -6.94
CA ASN A 11 8.60 19.82 -7.30
C ASN A 11 9.49 19.85 -6.05
N ASN A 12 10.67 19.24 -6.17
CA ASN A 12 11.67 19.21 -5.10
C ASN A 12 11.09 18.47 -3.86
N ARG A 13 10.13 17.55 -4.09
CA ARG A 13 9.53 16.69 -3.02
C ARG A 13 8.77 17.46 -1.96
N VAL A 14 8.38 18.70 -2.27
CA VAL A 14 7.55 19.41 -1.26
C VAL A 14 6.19 18.74 -1.04
N ILE A 15 5.81 18.58 0.22
CA ILE A 15 4.52 17.95 0.53
C ILE A 15 3.65 18.81 1.43
N GLY A 16 4.21 19.85 2.08
CA GLY A 16 3.43 20.56 3.11
C GLY A 16 3.95 21.97 3.40
N LEU A 17 3.07 22.82 3.89
CA LEU A 17 3.47 24.14 4.38
C LEU A 17 2.45 24.53 5.43
N ASP A 18 2.89 24.90 6.62
CA ASP A 18 1.95 25.38 7.67
C ASP A 18 0.84 24.36 8.01
N ASN A 19 1.22 23.09 8.03
CA ASN A 19 0.35 21.93 8.33
C ASN A 19 -0.84 21.78 7.39
N LYS A 20 -0.68 22.29 6.16
CA LYS A 20 -1.65 22.10 5.10
C LYS A 20 -0.88 21.75 3.84
N MET A 21 -1.59 21.45 2.73
CA MET A 21 -0.87 21.23 1.48
C MET A 21 -1.00 22.48 0.66
N PRO A 22 0.12 23.00 0.14
CA PRO A 22 0.08 24.37 -0.44
C PRO A 22 -0.34 24.40 -1.90
N TRP A 23 -1.50 23.80 -2.21
CA TRP A 23 -2.04 23.83 -3.57
C TRP A 23 -3.52 23.55 -3.47
N HIS A 24 -4.24 23.94 -4.53
CA HIS A 24 -5.66 23.62 -4.67
C HIS A 24 -5.78 22.56 -5.76
N LEU A 25 -6.21 21.34 -5.41
CA LEU A 25 -6.26 20.26 -6.37
C LEU A 25 -7.24 19.19 -5.88
N PRO A 26 -8.54 19.50 -5.89
CA PRO A 26 -9.54 18.64 -5.29
C PRO A 26 -9.56 17.25 -5.87
N ALA A 27 -9.30 17.11 -7.18
CA ALA A 27 -9.36 15.78 -7.76
C ALA A 27 -8.32 14.83 -7.20
N GLU A 28 -7.20 15.38 -6.75
CA GLU A 28 -6.14 14.55 -6.19
C GLU A 28 -6.64 13.84 -4.92
N LEU A 29 -7.56 14.45 -4.19
CA LEU A 29 -8.08 13.75 -2.98
C LEU A 29 -8.90 12.56 -3.35
N GLN A 30 -9.51 12.62 -4.54
CA GLN A 30 -10.25 11.48 -5.07
C GLN A 30 -9.28 10.35 -5.44
N LEU A 31 -8.10 10.71 -5.95
CA LEU A 31 -7.10 9.69 -6.20
C LEU A 31 -6.68 9.05 -4.88
N PHE A 32 -6.46 9.88 -3.87
CA PHE A 32 -6.06 9.37 -2.56
C PHE A 32 -7.15 8.41 -2.02
N LYS A 33 -8.37 8.87 -2.13
CA LYS A 33 -9.47 8.01 -1.65
C LYS A 33 -9.54 6.67 -2.37
N ARG A 34 -9.47 6.66 -3.71
CA ARG A 34 -9.51 5.40 -4.42
C ARG A 34 -8.38 4.46 -3.96
N ALA A 35 -7.23 5.05 -3.63
CA ALA A 35 -6.07 4.22 -3.37
C ALA A 35 -6.04 3.66 -1.94
N THR A 36 -6.79 4.32 -1.06
CA THR A 36 -6.74 3.96 0.36
C THR A 36 -8.05 3.30 0.87
N LEU A 37 -9.17 3.48 0.17
CA LEU A 37 -10.42 2.87 0.68
C LEU A 37 -10.26 1.37 0.88
N GLY A 38 -10.78 0.91 2.00
CA GLY A 38 -10.73 -0.50 2.35
C GLY A 38 -9.43 -0.95 2.99
N LYS A 39 -8.52 -0.02 3.29
CA LYS A 39 -7.22 -0.40 3.83
C LYS A 39 -6.98 0.37 5.16
N PRO A 40 -6.16 -0.17 6.07
CA PRO A 40 -5.80 0.61 7.24
C PRO A 40 -4.91 1.74 6.78
N ILE A 41 -5.06 2.90 7.37
CA ILE A 41 -4.20 4.06 7.07
C ILE A 41 -3.50 4.47 8.36
N VAL A 42 -2.17 4.67 8.27
CA VAL A 42 -1.37 5.01 9.41
C VAL A 42 -0.81 6.43 9.18
N MET A 43 -0.93 7.29 10.17
CA MET A 43 -0.52 8.72 10.01
C MET A 43 0.06 9.25 11.31
N GLY A 44 0.87 10.31 11.17
CA GLY A 44 1.35 11.03 12.36
C GLY A 44 0.26 11.93 12.89
N ARG A 45 0.44 12.37 14.12
CA ARG A 45 -0.52 13.25 14.73
C ARG A 45 -0.79 14.57 13.98
N ASN A 46 0.24 15.22 13.40
CA ASN A 46 -0.01 16.46 12.71
C ASN A 46 -0.90 16.24 11.49
N THR A 47 -0.62 15.15 10.76
CA THR A 47 -1.43 14.82 9.59
C THR A 47 -2.89 14.59 9.98
N PHE A 48 -3.10 13.84 11.06
CA PHE A 48 -4.50 13.69 11.50
C PHE A 48 -5.16 15.05 11.73
N GLU A 49 -4.46 15.95 12.40
CA GLU A 49 -5.06 17.26 12.74
C GLU A 49 -5.36 18.03 11.48
N SER A 50 -4.49 17.87 10.51
CA SER A 50 -4.66 18.54 9.20
C SER A 50 -5.91 18.00 8.46
N ILE A 51 -6.12 16.69 8.49
CA ILE A 51 -7.31 16.12 7.86
C ILE A 51 -8.59 16.55 8.60
N GLY A 52 -8.52 16.53 9.93
CA GLY A 52 -9.57 17.10 10.76
C GLY A 52 -10.73 16.18 11.16
N ARG A 53 -10.75 14.95 10.66
CA ARG A 53 -11.76 13.97 11.03
C ARG A 53 -11.17 12.60 10.76
N PRO A 54 -11.78 11.55 11.32
CA PRO A 54 -11.50 10.20 10.83
C PRO A 54 -12.04 10.06 9.40
N LEU A 55 -11.28 9.38 8.54
CA LEU A 55 -11.76 9.11 7.20
C LEU A 55 -12.62 7.82 7.16
N PRO A 56 -13.80 7.89 6.55
CA PRO A 56 -14.60 6.65 6.49
C PRO A 56 -14.02 5.52 5.64
N GLY A 57 -14.39 4.28 5.93
CA GLY A 57 -14.08 3.16 5.03
C GLY A 57 -12.66 2.65 5.23
N ARG A 58 -12.00 3.22 6.24
CA ARG A 58 -10.61 2.91 6.59
C ARG A 58 -10.41 2.83 8.07
N LEU A 59 -9.57 1.87 8.56
CA LEU A 59 -9.12 1.86 9.95
C LEU A 59 -8.12 3.01 10.06
N ASN A 60 -8.44 4.02 10.87
CA ASN A 60 -7.53 5.18 10.99
C ASN A 60 -6.61 4.93 12.19
N ILE A 61 -5.27 4.83 11.97
CA ILE A 61 -4.33 4.60 13.08
C ILE A 61 -3.48 5.86 13.17
N VAL A 62 -3.39 6.46 14.36
CA VAL A 62 -2.69 7.74 14.48
C VAL A 62 -1.55 7.57 15.46
N LEU A 63 -0.32 8.00 15.06
CA LEU A 63 0.82 7.92 15.97
C LEU A 63 0.95 9.12 16.90
N SER A 64 0.96 8.87 18.20
CA SER A 64 1.36 9.94 19.10
C SER A 64 1.96 9.37 20.39
N ARG A 65 2.92 10.08 21.00
CA ARG A 65 3.44 9.67 22.31
C ARG A 65 2.72 10.41 23.43
N GLN A 66 1.75 11.25 23.10
CA GLN A 66 1.01 11.97 24.13
C GLN A 66 -0.02 10.99 24.73
N THR A 67 0.15 10.63 26.01
CA THR A 67 -0.62 9.53 26.60
C THR A 67 -2.11 9.85 26.75
N ASP A 68 -2.49 11.12 26.88
CA ASP A 68 -3.91 11.47 26.95
C ASP A 68 -4.54 11.91 25.61
N TYR A 69 -3.83 11.68 24.51
CA TYR A 69 -4.32 12.10 23.19
C TYR A 69 -5.25 11.01 22.64
N GLN A 70 -6.52 11.32 22.45
CA GLN A 70 -7.46 10.27 22.05
C GLN A 70 -8.66 10.78 21.29
N PRO A 71 -8.46 11.14 20.02
CA PRO A 71 -9.59 11.62 19.24
C PRO A 71 -10.64 10.50 19.04
N GLU A 72 -11.91 10.90 18.95
CA GLU A 72 -12.94 9.91 18.64
C GLU A 72 -12.71 9.25 17.27
N GLY A 73 -12.91 7.95 17.18
CA GLY A 73 -12.96 7.30 15.89
C GLY A 73 -11.63 6.93 15.24
N VAL A 74 -10.56 7.10 15.98
CA VAL A 74 -9.24 6.64 15.53
C VAL A 74 -8.56 5.81 16.64
N THR A 75 -7.64 4.96 16.21
CA THR A 75 -6.86 4.19 17.14
C THR A 75 -5.50 4.86 17.29
N VAL A 76 -5.18 5.31 18.51
CA VAL A 76 -3.89 5.98 18.75
C VAL A 76 -2.90 4.96 19.25
N VAL A 77 -1.72 4.95 18.65
CA VAL A 77 -0.66 4.01 19.08
C VAL A 77 0.61 4.79 19.35
N ALA A 78 1.47 4.28 20.24
CA ALA A 78 2.60 5.07 20.66
C ALA A 78 3.91 4.68 20.00
N THR A 79 3.87 3.65 19.16
CA THR A 79 5.06 3.19 18.44
C THR A 79 4.64 2.66 17.07
N LEU A 80 5.61 2.60 16.15
CA LEU A 80 5.36 2.03 14.84
C LEU A 80 4.99 0.56 14.94
N GLU A 81 5.70 -0.19 15.79
CA GLU A 81 5.37 -1.58 15.97
C GLU A 81 3.94 -1.75 16.36
N ASP A 82 3.43 -0.87 17.21
CA ASP A 82 2.06 -1.03 17.67
C ASP A 82 1.08 -0.70 16.54
N ALA A 83 1.49 0.23 15.67
CA ALA A 83 0.69 0.54 14.49
C ALA A 83 0.51 -0.71 13.64
N VAL A 84 1.63 -1.42 13.42
CA VAL A 84 1.61 -2.65 12.63
C VAL A 84 0.72 -3.75 13.26
N VAL A 85 0.78 -3.88 14.59
CA VAL A 85 -0.13 -4.78 15.31
C VAL A 85 -1.62 -4.43 15.13
N ALA A 86 -1.96 -3.13 15.20
CA ALA A 86 -3.35 -2.68 15.01
C ALA A 86 -3.88 -2.98 13.59
N ALA A 87 -2.99 -2.81 12.62
CA ALA A 87 -3.26 -3.11 11.20
C ALA A 87 -3.62 -4.60 10.91
N GLY A 88 -3.14 -5.49 11.76
CA GLY A 88 -3.55 -6.89 11.67
C GLY A 88 -3.01 -7.61 10.42
N ASP A 89 -3.63 -8.72 10.03
CA ASP A 89 -3.05 -9.49 8.92
C ASP A 89 -3.56 -9.07 7.58
N VAL A 90 -3.67 -7.78 7.28
CA VAL A 90 -4.26 -7.37 6.03
C VAL A 90 -3.34 -7.50 4.81
N GLU A 91 -3.92 -7.27 3.63
CA GLU A 91 -3.13 -7.41 2.41
C GLU A 91 -2.07 -6.29 2.37
N GLU A 92 -2.48 -5.07 2.77
CA GLU A 92 -1.64 -3.88 2.54
C GLU A 92 -2.01 -2.81 3.56
N LEU A 93 -0.98 -2.23 4.16
CA LEU A 93 -1.09 -1.13 5.12
C LEU A 93 -0.70 0.14 4.34
N MET A 94 -1.41 1.27 4.51
CA MET A 94 -1.02 2.51 3.77
C MET A 94 -0.55 3.58 4.74
N ILE A 95 0.73 3.98 4.64
CA ILE A 95 1.26 5.11 5.43
C ILE A 95 0.93 6.39 4.67
N ILE A 96 0.20 7.30 5.31
CA ILE A 96 -0.37 8.44 4.55
C ILE A 96 0.27 9.74 4.94
N GLY A 97 1.29 9.66 5.78
CA GLY A 97 2.08 10.86 6.12
C GLY A 97 2.16 11.10 7.63
N GLY A 98 2.88 12.13 8.08
CA GLY A 98 3.46 13.16 7.22
C GLY A 98 4.95 12.88 7.09
N ALA A 99 5.75 13.95 6.98
CA ALA A 99 7.19 13.72 6.70
C ALA A 99 7.85 12.80 7.75
N THR A 100 7.55 13.02 9.03
CA THR A 100 8.32 12.24 10.00
CA THR A 100 8.23 12.24 10.08
C THR A 100 8.00 10.75 9.85
N ILE A 101 6.75 10.42 9.52
CA ILE A 101 6.39 9.03 9.38
C ILE A 101 6.95 8.41 8.13
N TYR A 102 6.88 9.18 7.07
CA TYR A 102 7.53 8.74 5.80
C TYR A 102 9.05 8.47 6.00
N ASN A 103 9.71 9.34 6.73
CA ASN A 103 11.16 9.21 7.04
C ASN A 103 11.38 7.91 7.79
N GLN A 104 10.54 7.66 8.80
CA GLN A 104 10.80 6.46 9.59
C GLN A 104 10.45 5.14 8.90
N CYS A 105 9.55 5.16 7.91
CA CYS A 105 9.02 3.94 7.30
C CYS A 105 9.57 3.67 5.90
N LEU A 106 10.31 4.61 5.31
CA LEU A 106 10.83 4.41 3.95
C LEU A 106 11.65 3.15 3.74
N ALA A 107 12.56 2.87 4.69
CA ALA A 107 13.44 1.75 4.49
C ALA A 107 12.67 0.43 4.49
N ALA A 108 11.46 0.49 5.04
CA ALA A 108 10.63 -0.71 5.18
C ALA A 108 9.55 -0.83 4.11
N ALA A 109 9.43 0.21 3.25
CA ALA A 109 8.30 0.27 2.34
C ALA A 109 8.50 -0.67 1.18
N ASP A 110 7.43 -1.39 0.90
CA ASP A 110 7.43 -2.24 -0.28
C ASP A 110 6.99 -1.45 -1.54
N ARG A 111 6.06 -0.48 -1.37
CA ARG A 111 5.53 0.28 -2.50
C ARG A 111 5.40 1.75 -2.10
N LEU A 112 5.55 2.64 -3.08
CA LEU A 112 5.21 4.05 -2.92
C LEU A 112 4.13 4.37 -3.93
N TYR A 113 3.06 4.97 -3.48
CA TYR A 113 2.02 5.45 -4.37
C TYR A 113 2.27 6.95 -4.45
N LEU A 114 2.93 7.41 -5.51
CA LEU A 114 3.28 8.81 -5.60
C LEU A 114 2.43 9.55 -6.63
N THR A 115 1.91 10.67 -6.21
CA THR A 115 1.37 11.61 -7.20
C THR A 115 2.41 12.72 -7.36
N HIS A 116 2.82 13.02 -8.60
CA HIS A 116 3.69 14.15 -8.82
C HIS A 116 2.89 15.26 -9.42
N ILE A 117 2.92 16.42 -8.74
CA ILE A 117 2.25 17.64 -9.25
C ILE A 117 3.23 18.61 -9.92
N GLU A 118 2.88 19.11 -11.12
CA GLU A 118 3.80 20.00 -11.82
C GLU A 118 3.65 21.40 -11.26
N LEU A 119 4.29 21.66 -10.13
CA LEU A 119 4.15 22.94 -9.46
C LEU A 119 5.43 23.17 -8.64
N THR A 120 6.02 24.37 -8.73
CA THR A 120 7.09 24.74 -7.79
C THR A 120 6.45 25.64 -6.71
N THR A 121 6.49 25.17 -5.49
CA THR A 121 5.85 25.92 -4.40
C THR A 121 6.80 25.85 -3.21
N GLU A 122 6.77 26.83 -2.33
CA GLU A 122 7.59 26.74 -1.10
C GLU A 122 7.02 25.73 -0.10
N GLY A 123 7.91 25.03 0.59
CA GLY A 123 7.48 24.06 1.57
C GLY A 123 8.07 24.27 2.96
N ASP A 124 7.49 23.57 3.96
CA ASP A 124 8.18 23.38 5.23
C ASP A 124 8.24 21.89 5.65
N THR A 125 7.81 21.01 4.74
CA THR A 125 7.91 19.55 4.92
C THR A 125 8.14 18.92 3.54
N TRP A 126 9.02 17.94 3.50
CA TRP A 126 9.40 17.33 2.24
C TRP A 126 9.30 15.83 2.36
N PHE A 127 8.94 15.19 1.27
CA PHE A 127 9.02 13.68 1.21
C PHE A 127 10.48 13.23 1.31
N PRO A 128 10.75 12.04 1.82
CA PRO A 128 12.14 11.58 1.88
C PRO A 128 12.78 11.36 0.48
N ASP A 129 14.11 11.31 0.40
CA ASP A 129 14.79 11.07 -0.86
C ASP A 129 14.71 9.56 -1.25
N TYR A 130 13.54 9.15 -1.72
CA TYR A 130 13.33 7.76 -2.06
C TYR A 130 14.25 7.30 -3.20
N GLU A 131 14.78 8.26 -3.94
CA GLU A 131 15.60 7.91 -5.09
C GLU A 131 16.96 7.37 -4.64
N GLN A 132 17.25 7.39 -3.35
CA GLN A 132 18.48 6.67 -2.87
C GLN A 132 18.36 5.13 -2.95
N TYR A 133 17.13 4.67 -3.12
CA TYR A 133 16.83 3.24 -3.39
C TYR A 133 16.42 3.02 -4.85
N ASN A 134 16.33 1.75 -5.23
CA ASN A 134 15.90 1.34 -6.56
C ASN A 134 14.45 0.86 -6.59
N TRP A 135 13.72 1.18 -7.66
CA TRP A 135 12.24 0.99 -7.75
C TRP A 135 11.90 0.55 -9.15
N GLN A 136 10.77 -0.13 -9.29
CA GLN A 136 10.25 -0.29 -10.63
C GLN A 136 8.81 0.16 -10.61
N GLU A 137 8.42 0.85 -11.65
CA GLU A 137 7.04 1.36 -11.72
C GLU A 137 6.09 0.25 -12.14
N ILE A 138 5.00 0.01 -11.41
CA ILE A 138 4.08 -1.04 -11.83
C ILE A 138 2.68 -0.54 -12.19
N GLU A 139 2.40 0.75 -11.98
CA GLU A 139 1.10 1.35 -12.39
C GLU A 139 1.33 2.83 -12.60
N HIS A 140 0.54 3.44 -13.48
CA HIS A 140 0.74 4.87 -13.71
C HIS A 140 -0.56 5.43 -14.28
N GLU A 141 -0.78 6.73 -14.11
CA GLU A 141 -1.93 7.44 -14.69
C GLU A 141 -1.55 8.91 -14.84
N SER A 142 -1.93 9.57 -15.94
CA SER A 142 -1.70 11.02 -16.14
C SER A 142 -3.00 11.81 -16.07
N TYR A 143 -2.94 13.00 -15.48
CA TYR A 143 -4.13 13.84 -15.31
C TYR A 143 -3.86 15.29 -15.71
N ALA A 144 -4.24 15.67 -16.93
CA ALA A 144 -3.98 17.05 -17.36
C ALA A 144 -4.87 18.02 -16.56
N ALA A 145 -4.33 19.21 -16.37
CA ALA A 145 -5.08 20.31 -15.68
C ALA A 145 -6.47 20.48 -16.33
N ASP A 146 -7.46 20.83 -15.52
CA ASP A 146 -8.82 21.14 -16.06
C ASP A 146 -9.45 22.30 -15.29
N ASP A 147 -10.73 22.58 -15.55
CA ASP A 147 -11.32 23.73 -14.89
C ASP A 147 -11.42 23.62 -13.41
N LYS A 148 -11.23 22.44 -12.79
CA LYS A 148 -11.33 22.35 -11.33
C LYS A 148 -9.94 22.14 -10.67
N ASN A 149 -8.96 21.84 -11.50
CA ASN A 149 -7.63 21.44 -11.02
C ASN A 149 -6.61 22.12 -11.90
N PRO A 150 -5.93 23.15 -11.36
CA PRO A 150 -5.12 24.06 -12.18
C PRO A 150 -3.72 23.54 -12.54
N HIS A 151 -3.29 22.41 -12.03
CA HIS A 151 -1.96 21.92 -12.33
C HIS A 151 -2.04 20.53 -12.89
N ASN A 152 -1.15 20.21 -13.83
CA ASN A 152 -1.01 18.85 -14.28
C ASN A 152 -0.48 17.98 -13.12
N TYR A 153 -0.96 16.76 -13.06
CA TYR A 153 -0.37 15.80 -12.07
C TYR A 153 -0.42 14.40 -12.61
N ARG A 154 0.31 13.50 -11.99
CA ARG A 154 0.33 12.15 -12.53
C ARG A 154 0.55 11.21 -11.36
N PHE A 155 0.08 9.99 -11.53
CA PHE A 155 0.28 8.93 -10.53
C PHE A 155 1.34 7.91 -10.96
N SER A 156 2.19 7.48 -10.01
CA SER A 156 3.18 6.47 -10.29
C SER A 156 3.23 5.54 -9.10
N LEU A 157 2.97 4.25 -9.32
CA LEU A 157 3.10 3.29 -8.27
C LEU A 157 4.43 2.57 -8.41
N LEU A 158 5.32 2.79 -7.43
CA LEU A 158 6.63 2.17 -7.44
C LEU A 158 6.74 1.00 -6.47
N GLU A 159 7.43 -0.04 -6.92
CA GLU A 159 7.71 -1.20 -6.10
C GLU A 159 9.20 -1.25 -5.82
N ARG A 160 9.57 -1.48 -4.56
CA ARG A 160 10.99 -1.57 -4.19
C ARG A 160 11.63 -2.76 -4.89
N VAL A 161 12.82 -2.52 -5.46
CA VAL A 161 13.68 -3.59 -6.00
C VAL A 161 14.92 -3.74 -5.13
N MET B 1 17.03 38.76 19.48
CA MET B 1 17.61 37.41 19.48
C MET B 1 17.70 36.89 18.05
N ILE B 2 18.89 36.47 17.67
CA ILE B 2 19.14 35.80 16.38
C ILE B 2 18.67 34.36 16.52
N VAL B 3 17.84 33.90 15.59
CA VAL B 3 17.40 32.51 15.52
C VAL B 3 18.28 31.81 14.53
N SER B 4 19.12 30.90 15.04
CA SER B 4 20.06 30.21 14.13
C SER B 4 19.77 28.70 14.14
N MET B 5 20.01 28.01 13.02
CA MET B 5 19.99 26.54 13.05
C MET B 5 21.37 26.03 12.64
N ILE B 6 21.81 24.97 13.27
CA ILE B 6 23.15 24.40 12.97
C ILE B 6 22.99 22.90 12.67
N ALA B 7 23.59 22.44 11.57
CA ALA B 7 23.41 21.07 11.10
C ALA B 7 24.63 20.65 10.30
N ALA B 8 24.91 19.35 10.33
CA ALA B 8 25.92 18.74 9.45
C ALA B 8 25.26 17.88 8.37
N LEU B 9 25.48 18.21 7.11
CA LEU B 9 24.79 17.58 5.96
C LEU B 9 25.77 16.78 5.14
N ALA B 10 25.51 15.48 4.99
CA ALA B 10 26.21 14.73 3.92
C ALA B 10 25.60 15.02 2.57
N ASN B 11 26.05 14.34 1.52
CA ASN B 11 25.45 14.59 0.22
C ASN B 11 23.94 14.40 0.24
N ASN B 12 23.24 15.19 -0.59
CA ASN B 12 21.76 15.07 -0.72
C ASN B 12 21.02 15.49 0.57
N ARG B 13 21.70 16.26 1.41
CA ARG B 13 21.12 16.81 2.64
C ARG B 13 20.85 15.75 3.71
N VAL B 14 21.49 14.59 3.59
CA VAL B 14 21.37 13.55 4.64
C VAL B 14 21.87 14.01 5.98
N ILE B 15 21.07 13.81 7.04
CA ILE B 15 21.53 14.18 8.39
C ILE B 15 21.50 13.02 9.33
N GLY B 16 20.75 11.97 9.04
CA GLY B 16 20.61 10.91 10.06
C GLY B 16 20.19 9.57 9.49
N LEU B 17 20.45 8.50 10.24
CA LEU B 17 19.97 7.19 9.89
C LEU B 17 19.90 6.38 11.20
N ASP B 18 18.76 5.76 11.39
CA ASP B 18 18.51 4.91 12.57
C ASP B 18 18.76 5.67 13.89
N ASN B 19 18.37 6.94 13.92
CA ASN B 19 18.55 7.83 15.10
C ASN B 19 20.00 8.06 15.51
N LYS B 20 20.91 7.86 14.59
CA LYS B 20 22.33 8.17 14.78
C LYS B 20 22.83 9.00 13.60
N MET B 21 24.04 9.53 13.65
CA MET B 21 24.53 10.11 12.39
C MET B 21 25.36 9.09 11.67
N PRO B 22 25.18 8.99 10.37
CA PRO B 22 25.84 7.83 9.78
C PRO B 22 27.25 8.10 9.34
N TRP B 23 28.10 8.62 10.25
CA TRP B 23 29.51 8.84 9.89
C TRP B 23 30.31 8.94 11.17
N HIS B 24 31.63 8.72 11.03
CA HIS B 24 32.51 8.94 12.15
C HIS B 24 33.33 10.18 11.83
N LEU B 25 33.14 11.28 12.56
CA LEU B 25 33.89 12.51 12.24
C LEU B 25 34.02 13.35 13.52
N PRO B 26 34.91 12.94 14.39
CA PRO B 26 34.96 13.59 15.69
C PRO B 26 35.31 15.08 15.68
N ALA B 27 36.13 15.55 14.73
CA ALA B 27 36.46 16.95 14.64
C ALA B 27 35.23 17.79 14.34
N GLU B 28 34.24 17.22 13.66
CA GLU B 28 33.03 18.00 13.36
C GLU B 28 32.26 18.27 14.66
N LEU B 29 32.27 17.32 15.58
CA LEU B 29 31.60 17.59 16.88
C LEU B 29 32.32 18.75 17.63
N GLN B 30 33.63 18.89 17.48
CA GLN B 30 34.31 20.03 18.05
C GLN B 30 33.93 21.34 17.42
N LEU B 31 33.73 21.35 16.09
CA LEU B 31 33.14 22.52 15.42
C LEU B 31 31.78 22.90 16.05
N PHE B 32 30.93 21.87 16.19
CA PHE B 32 29.59 22.02 16.77
C PHE B 32 29.71 22.60 18.17
N LYS B 33 30.59 22.03 18.97
CA LYS B 33 30.84 22.57 20.31
C LYS B 33 31.30 24.02 20.29
N ARG B 34 32.27 24.41 19.43
CA ARG B 34 32.70 25.81 19.37
C ARG B 34 31.55 26.73 19.07
N ALA B 35 30.67 26.29 18.15
CA ALA B 35 29.60 27.15 17.70
C ALA B 35 28.42 27.26 18.65
N THR B 36 28.31 26.35 19.61
CA THR B 36 27.14 26.27 20.49
C THR B 36 27.45 26.59 21.95
N LEU B 37 28.71 26.52 22.34
CA LEU B 37 29.01 26.71 23.75
C LEU B 37 28.58 28.08 24.24
N GLY B 38 27.98 28.14 25.42
CA GLY B 38 27.54 29.43 25.90
C GLY B 38 26.22 29.96 25.33
N LYS B 39 25.49 29.11 24.61
CA LYS B 39 24.20 29.49 24.03
C LYS B 39 23.18 28.43 24.37
N PRO B 40 21.93 28.84 24.50
CA PRO B 40 20.89 27.80 24.60
C PRO B 40 20.74 27.00 23.31
N ILE B 41 20.50 25.71 23.45
CA ILE B 41 20.35 24.80 22.29
C ILE B 41 18.98 24.16 22.43
N VAL B 42 18.25 24.14 21.32
CA VAL B 42 16.89 23.63 21.25
C VAL B 42 16.88 22.43 20.33
N MET B 43 16.30 21.29 20.76
CA MET B 43 16.33 20.08 19.97
C MET B 43 15.07 19.31 20.15
N GLY B 44 14.79 18.44 19.19
CA GLY B 44 13.62 17.57 19.33
C GLY B 44 13.99 16.38 20.20
N ARG B 45 12.95 15.67 20.67
CA ARG B 45 13.15 14.52 21.51
C ARG B 45 14.04 13.45 20.91
N ASN B 46 13.90 13.13 19.62
CA ASN B 46 14.72 12.07 19.07
C ASN B 46 16.22 12.45 19.08
N THR B 47 16.54 13.71 18.79
CA THR B 47 17.90 14.21 18.83
C THR B 47 18.48 14.11 20.24
N PHE B 48 17.69 14.50 21.24
CA PHE B 48 18.22 14.38 22.59
C PHE B 48 18.55 12.92 22.89
N GLU B 49 17.66 12.00 22.54
CA GLU B 49 17.97 10.57 22.79
C GLU B 49 19.21 10.11 22.02
N SER B 50 19.40 10.68 20.84
CA SER B 50 20.59 10.37 20.06
C SER B 50 21.88 10.87 20.71
N ILE B 51 21.86 12.08 21.22
CA ILE B 51 23.06 12.60 21.88
C ILE B 51 23.35 11.75 23.13
N GLY B 52 22.28 11.42 23.87
CA GLY B 52 22.38 10.48 24.99
C GLY B 52 22.65 11.11 26.36
N ARG B 53 22.84 12.42 26.42
CA ARG B 53 23.11 13.12 27.68
C ARG B 53 22.84 14.59 27.43
N PRO B 54 22.61 15.37 28.51
CA PRO B 54 22.70 16.82 28.40
C PRO B 54 24.12 17.26 28.01
N LEU B 55 24.25 18.28 27.16
CA LEU B 55 25.57 18.81 26.82
C LEU B 55 26.00 19.93 27.78
N PRO B 56 27.24 19.86 28.30
CA PRO B 56 27.70 20.87 29.26
C PRO B 56 27.83 22.26 28.67
N GLY B 57 27.67 23.27 29.52
CA GLY B 57 28.02 24.60 29.09
C GLY B 57 26.96 25.26 28.22
N ARG B 58 25.81 24.60 28.08
CA ARG B 58 24.67 25.13 27.30
C ARG B 58 23.38 24.81 28.04
N LEU B 59 22.39 25.69 27.96
CA LEU B 59 21.06 25.34 28.44
C LEU B 59 20.44 24.40 27.39
N ASN B 60 20.11 23.17 27.76
CA ASN B 60 19.54 22.24 26.79
C ASN B 60 18.02 22.25 26.89
N ILE B 61 17.35 22.63 25.78
CA ILE B 61 15.89 22.67 25.68
C ILE B 61 15.44 21.59 24.71
N VAL B 62 14.56 20.70 25.23
CA VAL B 62 14.06 19.57 24.45
C VAL B 62 12.55 19.69 24.22
N LEU B 63 12.12 19.54 22.96
CA LEU B 63 10.70 19.54 22.60
C LEU B 63 10.06 18.16 22.70
N SER B 64 9.00 18.05 23.51
CA SER B 64 8.21 16.83 23.55
C SER B 64 6.79 17.16 23.99
N ARG B 65 5.84 16.46 23.38
CA ARG B 65 4.46 16.64 23.81
C ARG B 65 4.08 15.59 24.87
N GLN B 66 5.01 14.72 25.20
CA GLN B 66 4.76 13.66 26.20
C GLN B 66 4.90 14.25 27.59
N THR B 67 3.79 14.33 28.32
CA THR B 67 3.69 15.13 29.55
C THR B 67 4.50 14.54 30.71
N ASP B 68 4.71 13.23 30.70
CA ASP B 68 5.57 12.60 31.70
C ASP B 68 7.03 12.46 31.26
N TYR B 69 7.43 13.04 30.12
CA TYR B 69 8.83 12.91 29.66
C TYR B 69 9.72 13.97 30.27
N GLN B 70 10.67 13.55 31.14
CA GLN B 70 11.47 14.50 31.89
C GLN B 70 12.89 14.04 32.17
N PRO B 71 13.76 14.02 31.16
CA PRO B 71 15.13 13.54 31.40
C PRO B 71 15.85 14.47 32.40
N GLU B 72 16.76 13.96 33.22
CA GLU B 72 17.56 14.83 34.06
C GLU B 72 18.39 15.84 33.25
N GLY B 73 18.43 17.10 33.68
CA GLY B 73 19.49 17.99 33.17
C GLY B 73 19.10 18.70 31.89
N VAL B 74 17.84 18.52 31.47
CA VAL B 74 17.31 19.30 30.33
C VAL B 74 15.95 19.93 30.65
N THR B 75 15.61 20.97 29.91
CA THR B 75 14.30 21.58 30.10
C THR B 75 13.37 21.12 28.99
N VAL B 76 12.26 20.44 29.34
CA VAL B 76 11.32 19.93 28.33
C VAL B 76 10.19 20.91 28.16
N VAL B 77 9.91 21.26 26.90
CA VAL B 77 8.87 22.21 26.60
C VAL B 77 7.96 21.57 25.57
N ALA B 78 6.70 22.00 25.55
CA ALA B 78 5.73 21.31 24.70
C ALA B 78 5.37 22.06 23.44
N THR B 79 5.95 23.24 23.27
CA THR B 79 5.74 24.05 22.07
C THR B 79 7.02 24.82 21.71
N LEU B 80 7.13 25.21 20.45
CA LEU B 80 8.27 26.02 20.00
C LEU B 80 8.23 27.38 20.68
N GLU B 81 7.02 27.90 20.94
CA GLU B 81 6.91 29.15 21.67
C GLU B 81 7.47 29.04 23.07
N ASP B 82 7.15 27.96 23.75
CA ASP B 82 7.73 27.74 25.08
C ASP B 82 9.25 27.56 25.02
N ALA B 83 9.79 26.98 23.94
CA ALA B 83 11.26 26.90 23.80
C ALA B 83 11.88 28.30 23.77
N VAL B 84 11.26 29.22 23.03
CA VAL B 84 11.79 30.60 22.97
C VAL B 84 11.70 31.29 24.35
N VAL B 85 10.62 31.06 25.06
CA VAL B 85 10.53 31.66 26.41
C VAL B 85 11.65 31.13 27.33
N ALA B 86 11.89 29.82 27.26
CA ALA B 86 12.97 29.22 28.09
C ALA B 86 14.38 29.76 27.80
N ALA B 87 14.63 30.12 26.53
CA ALA B 87 15.90 30.64 26.10
C ALA B 87 16.15 32.07 26.60
N GLY B 88 15.05 32.76 26.94
CA GLY B 88 15.09 34.08 27.57
C GLY B 88 15.79 35.14 26.76
N ASP B 89 16.37 36.13 27.41
CA ASP B 89 16.82 37.28 26.65
C ASP B 89 18.25 37.15 26.21
N VAL B 90 18.54 36.21 25.31
CA VAL B 90 19.92 35.96 24.91
C VAL B 90 20.19 36.57 23.51
N GLU B 91 21.47 36.65 23.15
CA GLU B 91 21.86 37.17 21.81
C GLU B 91 21.43 36.24 20.70
N GLU B 92 21.43 34.94 20.95
CA GLU B 92 21.32 33.95 19.87
C GLU B 92 20.90 32.60 20.40
N LEU B 93 19.90 31.99 19.75
CA LEU B 93 19.37 30.72 20.13
C LEU B 93 19.81 29.75 19.05
N MET B 94 20.28 28.56 19.41
CA MET B 94 20.75 27.60 18.39
C MET B 94 19.80 26.39 18.29
N ILE B 95 19.16 26.20 17.14
CA ILE B 95 18.36 25.01 16.90
C ILE B 95 19.30 23.93 16.37
N ILE B 96 19.39 22.80 17.07
CA ILE B 96 20.39 21.80 16.72
C ILE B 96 19.80 20.52 16.18
N GLY B 97 18.52 20.52 15.82
CA GLY B 97 17.91 19.38 15.13
C GLY B 97 16.79 18.71 15.93
N GLY B 98 16.12 17.69 15.41
CA GLY B 98 16.46 17.06 14.15
C GLY B 98 15.60 17.54 12.99
N ALA B 99 15.36 16.65 12.02
CA ALA B 99 14.60 17.08 10.84
C ALA B 99 13.28 17.76 11.18
N THR B 100 12.48 17.21 12.12
CA THR B 100 11.16 17.85 12.36
C THR B 100 11.33 19.29 12.85
N ILE B 101 12.39 19.55 13.63
CA ILE B 101 12.53 20.86 14.23
C ILE B 101 13.10 21.80 13.18
N TYR B 102 14.10 21.34 12.41
CA TYR B 102 14.56 22.17 11.31
C TYR B 102 13.40 22.56 10.34
N ASN B 103 12.54 21.60 9.99
CA ASN B 103 11.37 21.85 9.11
C ASN B 103 10.50 22.96 9.68
N GLN B 104 10.24 22.91 10.98
CA GLN B 104 9.29 23.85 11.56
C GLN B 104 9.88 25.26 11.68
N CYS B 105 11.21 25.34 11.75
CA CYS B 105 11.86 26.59 12.12
C CYS B 105 12.54 27.28 10.96
N LEU B 106 12.65 26.60 9.83
CA LEU B 106 13.45 27.13 8.75
C LEU B 106 12.95 28.52 8.36
N ALA B 107 11.63 28.66 8.29
CA ALA B 107 11.08 29.91 7.80
C ALA B 107 11.41 31.09 8.69
N ALA B 108 11.65 30.81 9.94
CA ALA B 108 11.94 31.87 10.88
C ALA B 108 13.44 32.03 11.19
N ALA B 109 14.27 31.16 10.67
CA ALA B 109 15.70 31.26 10.94
C ALA B 109 16.37 32.49 10.31
N ASP B 110 17.24 33.12 11.11
CA ASP B 110 18.04 34.26 10.60
C ASP B 110 19.31 33.76 9.97
N ARG B 111 19.88 32.69 10.53
CA ARG B 111 21.19 32.19 10.10
C ARG B 111 21.19 30.65 10.09
N LEU B 112 22.00 30.07 9.18
CA LEU B 112 22.23 28.63 9.23
C LEU B 112 23.72 28.41 9.36
N TYR B 113 24.10 27.58 10.32
CA TYR B 113 25.49 27.17 10.45
C TYR B 113 25.55 25.80 9.84
N LEU B 114 26.03 25.71 8.59
CA LEU B 114 25.96 24.40 7.90
C LEU B 114 27.34 23.80 7.70
N THR B 115 27.50 22.57 8.14
CA THR B 115 28.70 21.78 7.78
C THR B 115 28.28 20.88 6.61
N HIS B 116 29.06 20.90 5.55
CA HIS B 116 28.84 20.00 4.41
C HIS B 116 29.94 18.96 4.35
N ILE B 117 29.54 17.69 4.48
CA ILE B 117 30.51 16.58 4.53
C ILE B 117 30.52 15.92 3.15
N GLU B 118 31.72 15.73 2.57
CA GLU B 118 31.83 15.12 1.23
C GLU B 118 31.69 13.58 1.35
N LEU B 119 30.45 13.12 1.35
CA LEU B 119 30.18 11.70 1.60
C LEU B 119 28.78 11.37 1.13
N THR B 120 28.66 10.31 0.31
CA THR B 120 27.31 9.80 -0.04
C THR B 120 26.96 8.68 0.89
N THR B 121 25.88 8.85 1.66
CA THR B 121 25.52 7.81 2.57
C THR B 121 23.98 7.67 2.59
N GLU B 122 23.46 6.49 2.90
CA GLU B 122 22.00 6.32 2.99
C GLU B 122 21.48 7.12 4.16
N GLY B 123 20.27 7.68 4.05
CA GLY B 123 19.73 8.36 5.23
C GLY B 123 18.27 7.96 5.48
N ASP B 124 17.78 8.32 6.67
CA ASP B 124 16.34 8.32 6.88
C ASP B 124 15.82 9.65 7.41
N THR B 125 16.69 10.68 7.37
CA THR B 125 16.37 11.99 7.90
C THR B 125 17.17 12.99 7.10
N TRP B 126 16.53 14.05 6.63
CA TRP B 126 17.20 15.00 5.73
C TRP B 126 16.98 16.42 6.20
N PHE B 127 17.97 17.27 5.96
CA PHE B 127 17.80 18.70 6.27
C PHE B 127 16.76 19.29 5.25
N PRO B 128 16.04 20.32 5.64
CA PRO B 128 15.07 20.94 4.68
C PRO B 128 15.78 21.48 3.43
N ASP B 129 14.97 21.72 2.40
CA ASP B 129 15.49 22.34 1.16
C ASP B 129 15.66 23.85 1.35
N TYR B 130 16.71 24.22 2.09
CA TYR B 130 16.93 25.62 2.45
C TYR B 130 17.18 26.49 1.22
N GLU B 131 17.62 25.92 0.12
CA GLU B 131 17.89 26.78 -1.03
C GLU B 131 16.62 27.19 -1.75
N GLN B 132 15.44 26.81 -1.24
CA GLN B 132 14.23 27.46 -1.75
C GLN B 132 14.20 28.96 -1.40
N TYR B 133 14.96 29.32 -0.37
CA TYR B 133 15.14 30.70 0.07
C TYR B 133 16.48 31.26 -0.37
N ASN B 134 16.68 32.57 -0.21
CA ASN B 134 17.94 33.19 -0.59
C ASN B 134 18.80 33.46 0.62
N TRP B 135 20.12 33.28 0.45
CA TRP B 135 21.05 33.41 1.58
C TRP B 135 22.30 34.20 1.15
N GLN B 136 23.02 34.79 2.09
CA GLN B 136 24.34 35.36 1.79
C GLN B 136 25.30 34.59 2.69
N GLU B 137 26.38 34.07 2.15
CA GLU B 137 27.41 33.45 3.01
C GLU B 137 28.33 34.47 3.69
N ILE B 138 28.49 34.36 4.99
CA ILE B 138 29.32 35.36 5.72
C ILE B 138 30.54 34.83 6.42
N GLU B 139 30.67 33.50 6.45
CA GLU B 139 31.86 32.87 6.98
C GLU B 139 32.01 31.57 6.26
N HIS B 140 33.25 31.13 6.16
CA HIS B 140 33.56 29.86 5.51
C HIS B 140 34.86 29.28 6.02
N GLU B 141 34.90 27.97 6.23
CA GLU B 141 36.18 27.25 6.54
C GLU B 141 36.15 25.92 5.83
N SER B 142 37.31 25.40 5.43
CA SER B 142 37.31 24.03 4.96
C SER B 142 38.31 23.19 5.78
N TYR B 143 38.03 21.89 5.83
CA TYR B 143 38.81 20.95 6.65
C TYR B 143 39.09 19.71 5.86
N ALA B 144 40.35 19.43 5.62
CA ALA B 144 40.63 18.20 4.88
C ALA B 144 40.65 16.99 5.80
N ALA B 145 40.32 15.83 5.23
CA ALA B 145 40.33 14.59 5.97
C ALA B 145 41.73 14.38 6.51
N ASP B 146 41.80 13.74 7.67
CA ASP B 146 43.09 13.46 8.34
C ASP B 146 43.00 12.10 8.99
N ASP B 147 43.99 11.77 9.82
CA ASP B 147 43.99 10.42 10.36
C ASP B 147 42.95 10.16 11.45
N LYS B 148 42.20 11.19 11.91
CA LYS B 148 41.10 10.93 12.81
C LYS B 148 39.72 11.16 12.19
N ASN B 149 39.72 11.69 10.96
CA ASN B 149 38.49 12.14 10.33
C ASN B 149 38.55 11.79 8.84
N PRO B 150 37.78 10.77 8.43
CA PRO B 150 38.00 10.17 7.12
C PRO B 150 37.36 10.91 5.95
N HIS B 151 36.63 11.99 6.21
CA HIS B 151 35.96 12.68 5.12
C HIS B 151 36.33 14.15 5.16
N ASN B 152 36.45 14.76 3.99
CA ASN B 152 36.52 16.22 3.92
C ASN B 152 35.23 16.84 4.33
N TYR B 153 35.30 18.02 4.95
CA TYR B 153 34.05 18.76 5.18
C TYR B 153 34.33 20.26 5.14
N ARG B 154 33.26 21.06 4.99
CA ARG B 154 33.51 22.51 4.99
C ARG B 154 32.38 23.15 5.79
N PHE B 155 32.64 24.35 6.27
CA PHE B 155 31.67 25.05 7.12
C PHE B 155 31.24 26.33 6.43
N SER B 156 29.93 26.63 6.45
CA SER B 156 29.40 27.88 5.85
C SER B 156 28.44 28.50 6.87
N LEU B 157 28.56 29.82 7.11
CA LEU B 157 27.56 30.54 7.88
C LEU B 157 26.73 31.34 6.91
N LEU B 158 25.43 31.05 6.80
CA LEU B 158 24.56 31.75 5.83
C LEU B 158 23.61 32.65 6.59
N GLU B 159 23.36 33.85 6.07
CA GLU B 159 22.34 34.71 6.65
C GLU B 159 21.16 34.87 5.64
N ARG B 160 19.93 34.84 6.13
CA ARG B 160 18.77 34.83 5.26
C ARG B 160 18.67 36.22 4.62
N VAL B 161 18.40 36.26 3.31
CA VAL B 161 18.16 37.51 2.59
C VAL B 161 16.68 37.55 2.22
N MET C 1 -22.02 -1.79 -2.75
CA MET C 1 -21.57 -2.56 -1.57
C MET C 1 -22.46 -3.75 -1.34
N ILE C 2 -21.86 -4.93 -1.34
CA ILE C 2 -22.57 -6.16 -0.97
C ILE C 2 -22.72 -6.15 0.55
N VAL C 3 -23.94 -6.39 1.03
CA VAL C 3 -24.21 -6.41 2.46
C VAL C 3 -24.26 -7.87 2.84
N SER C 4 -23.26 -8.30 3.63
CA SER C 4 -23.17 -9.71 4.02
C SER C 4 -23.39 -9.84 5.50
N MET C 5 -23.93 -10.98 5.94
CA MET C 5 -23.99 -11.26 7.36
C MET C 5 -23.27 -12.62 7.58
N ILE C 6 -22.55 -12.72 8.68
CA ILE C 6 -21.80 -13.97 8.98
C ILE C 6 -22.17 -14.42 10.38
N ALA C 7 -22.48 -15.72 10.57
CA ALA C 7 -22.93 -16.20 11.87
C ALA C 7 -22.63 -17.71 11.93
N ALA C 8 -22.55 -18.23 13.13
CA ALA C 8 -22.38 -19.65 13.41
C ALA C 8 -23.59 -20.10 14.21
N LEU C 9 -24.34 -21.03 13.64
CA LEU C 9 -25.66 -21.43 14.21
C LEU C 9 -25.56 -22.89 14.70
N ALA C 10 -25.92 -23.13 15.95
CA ALA C 10 -26.17 -24.51 16.34
C ALA C 10 -27.60 -24.88 15.92
N ASN C 11 -28.07 -26.07 16.33
CA ASN C 11 -29.41 -26.47 15.90
C ASN C 11 -30.45 -25.44 16.40
N ASN C 12 -31.57 -25.38 15.67
CA ASN C 12 -32.66 -24.44 16.01
C ASN C 12 -32.23 -22.96 15.93
N ARG C 13 -31.18 -22.68 15.17
CA ARG C 13 -30.62 -21.34 14.95
C ARG C 13 -30.07 -20.70 16.20
N VAL C 14 -29.70 -21.50 17.24
CA VAL C 14 -29.18 -20.83 18.44
C VAL C 14 -27.80 -20.21 18.17
N ILE C 15 -27.57 -18.97 18.59
CA ILE C 15 -26.26 -18.33 18.38
C ILE C 15 -25.61 -17.92 19.68
N GLY C 16 -26.38 -17.77 20.78
CA GLY C 16 -25.75 -17.19 21.93
C GLY C 16 -26.43 -17.61 23.23
N LEU C 17 -25.70 -17.52 24.34
CA LEU C 17 -26.30 -17.69 25.69
C LEU C 17 -25.46 -16.92 26.73
N ASP C 18 -26.11 -16.08 27.56
CA ASP C 18 -25.35 -15.30 28.55
C ASP C 18 -24.22 -14.46 27.95
N ASN C 19 -24.49 -13.91 26.76
CA ASN C 19 -23.58 -13.03 26.02
C ASN C 19 -22.24 -13.69 25.65
N LYS C 20 -22.25 -15.03 25.57
CA LYS C 20 -21.16 -15.84 25.02
C LYS C 20 -21.72 -16.83 23.98
N MET C 21 -20.84 -17.56 23.30
CA MET C 21 -21.39 -18.56 22.42
C MET C 21 -21.24 -19.87 23.19
N PRO C 22 -22.29 -20.69 23.25
CA PRO C 22 -22.27 -21.83 24.14
C PRO C 22 -21.64 -23.14 23.58
N TRP C 23 -20.42 -23.00 23.07
CA TRP C 23 -19.67 -24.13 22.54
C TRP C 23 -18.21 -23.78 22.50
N HIS C 24 -17.40 -24.84 22.42
CA HIS C 24 -15.98 -24.67 22.30
C HIS C 24 -15.64 -25.16 20.88
N LEU C 25 -15.21 -24.26 20.00
CA LEU C 25 -14.98 -24.70 18.62
C LEU C 25 -13.95 -23.71 18.00
N PRO C 26 -12.70 -23.77 18.42
CA PRO C 26 -11.74 -22.74 18.02
C PRO C 26 -11.44 -22.64 16.50
N ALA C 27 -11.55 -23.74 15.76
CA ALA C 27 -11.31 -23.67 14.32
C ALA C 27 -12.35 -22.78 13.65
N GLU C 28 -13.52 -22.68 14.27
CA GLU C 28 -14.59 -21.91 13.63
C GLU C 28 -14.25 -20.42 13.63
N LEU C 29 -13.53 -19.97 14.66
CA LEU C 29 -13.12 -18.58 14.78
C LEU C 29 -12.16 -18.23 13.67
N GLN C 30 -11.33 -19.21 13.26
CA GLN C 30 -10.39 -18.99 12.15
C GLN C 30 -11.12 -18.84 10.80
N LEU C 31 -12.21 -19.60 10.65
CA LEU C 31 -13.06 -19.49 9.49
C LEU C 31 -13.62 -18.07 9.50
N PHE C 32 -14.12 -17.62 10.65
CA PHE C 32 -14.64 -16.27 10.72
C PHE C 32 -13.55 -15.24 10.38
N LYS C 33 -12.34 -15.42 10.90
CA LYS C 33 -11.25 -14.50 10.61
C LYS C 33 -10.95 -14.43 9.13
N ARG C 34 -10.88 -15.56 8.48
CA ARG C 34 -10.58 -15.59 7.04
C ARG C 34 -11.63 -14.88 6.23
N ALA C 35 -12.87 -14.94 6.71
CA ALA C 35 -13.97 -14.32 5.98
C ALA C 35 -14.17 -12.80 6.23
N THR C 36 -13.59 -12.27 7.31
CA THR C 36 -13.80 -10.88 7.69
C THR C 36 -12.53 -10.01 7.50
N LEU C 37 -11.34 -10.62 7.55
CA LEU C 37 -10.11 -9.82 7.45
C LEU C 37 -10.16 -8.93 6.21
N GLY C 38 -9.80 -7.64 6.40
CA GLY C 38 -9.77 -6.69 5.31
C GLY C 38 -11.12 -6.10 4.90
N LYS C 39 -12.17 -6.35 5.71
CA LYS C 39 -13.53 -5.82 5.40
C LYS C 39 -13.97 -5.06 6.64
N PRO C 40 -14.80 -4.01 6.46
CA PRO C 40 -15.39 -3.42 7.66
C PRO C 40 -16.33 -4.44 8.32
N ILE C 41 -16.42 -4.41 9.64
CA ILE C 41 -17.32 -5.34 10.37
C ILE C 41 -18.26 -4.49 11.20
N VAL C 42 -19.56 -4.81 11.15
CA VAL C 42 -20.58 -4.05 11.86
C VAL C 42 -21.18 -4.97 12.91
N MET C 43 -21.28 -4.49 14.14
CA MET C 43 -21.77 -5.30 15.24
C MET C 43 -22.54 -4.47 16.24
N GLY C 44 -23.44 -5.15 16.96
CA GLY C 44 -24.12 -4.48 18.03
C GLY C 44 -23.24 -4.35 19.24
N ARG C 45 -23.69 -3.49 20.14
CA ARG C 45 -22.93 -3.28 21.35
C ARG C 45 -22.69 -4.53 22.22
N ASN C 46 -23.69 -5.42 22.34
CA ASN C 46 -23.47 -6.58 23.18
C ASN C 46 -22.40 -7.49 22.58
N THR C 47 -22.42 -7.63 21.26
CA THR C 47 -21.42 -8.47 20.56
C THR C 47 -20.02 -7.90 20.78
N PHE C 48 -19.87 -6.58 20.66
CA PHE C 48 -18.53 -6.01 20.91
C PHE C 48 -18.06 -6.35 22.35
N GLU C 49 -18.96 -6.21 23.31
CA GLU C 49 -18.58 -6.54 24.70
C GLU C 49 -18.24 -8.03 24.86
N SER C 50 -18.93 -8.88 24.09
CA SER C 50 -18.65 -10.32 24.11
C SER C 50 -17.24 -10.60 23.55
N ILE C 51 -16.91 -9.95 22.46
CA ILE C 51 -15.61 -10.16 21.83
C ILE C 51 -14.51 -9.67 22.72
N GLY C 52 -14.73 -8.52 23.33
CA GLY C 52 -13.85 -8.01 24.36
C GLY C 52 -12.71 -7.10 23.94
N ARG C 53 -12.55 -6.88 22.65
CA ARG C 53 -11.48 -6.02 22.15
C ARG C 53 -11.82 -5.68 20.70
N PRO C 54 -11.22 -4.62 20.15
CA PRO C 54 -11.33 -4.45 18.69
C PRO C 54 -10.62 -5.64 17.98
N LEU C 55 -11.13 -6.07 16.83
CA LEU C 55 -10.47 -7.14 16.09
C LEU C 55 -9.52 -6.51 15.12
N PRO C 56 -8.25 -6.95 15.10
CA PRO C 56 -7.35 -6.12 14.28
C PRO C 56 -7.53 -6.43 12.82
N GLY C 57 -7.10 -5.50 11.96
CA GLY C 57 -7.15 -5.68 10.52
C GLY C 57 -8.55 -5.54 9.94
N ARG C 58 -9.41 -4.99 10.76
CA ARG C 58 -10.76 -4.68 10.27
C ARG C 58 -11.18 -3.37 10.89
N LEU C 59 -11.95 -2.59 10.12
CA LEU C 59 -12.55 -1.39 10.69
C LEU C 59 -13.74 -1.89 11.51
N ASN C 60 -13.75 -1.64 12.81
CA ASN C 60 -14.77 -2.23 13.69
C ASN C 60 -15.80 -1.13 13.91
N ILE C 61 -17.05 -1.33 13.48
CA ILE C 61 -18.11 -0.35 13.59
C ILE C 61 -19.11 -0.97 14.58
N VAL C 62 -19.31 -0.26 15.69
CA VAL C 62 -20.16 -0.74 16.76
C VAL C 62 -21.44 0.12 16.88
N LEU C 63 -22.61 -0.53 16.93
CA LEU C 63 -23.88 0.21 17.04
C LEU C 63 -24.30 0.42 18.49
N SER C 64 -24.50 1.69 18.87
CA SER C 64 -25.02 1.99 20.19
C SER C 64 -25.69 3.35 20.15
N ARG C 65 -26.81 3.48 20.88
CA ARG C 65 -27.45 4.78 21.06
C ARG C 65 -27.01 5.50 22.31
N GLN C 66 -26.12 4.86 23.05
CA GLN C 66 -25.57 5.50 24.24
C GLN C 66 -24.63 6.64 23.82
N ASP C 68 -22.32 8.60 25.23
CA ASP C 68 -21.29 8.55 26.25
C ASP C 68 -20.57 7.20 26.24
N TYR C 69 -20.66 6.37 25.01
CA TYR C 69 -20.09 5.06 24.85
C TYR C 69 -19.06 5.15 23.75
N GLN C 70 -17.77 5.17 24.12
CA GLN C 70 -16.71 5.20 23.10
C GLN C 70 -15.48 4.40 23.45
N PRO C 71 -15.59 3.08 23.33
CA PRO C 71 -14.50 2.14 23.62
C PRO C 71 -13.33 2.49 22.76
N GLU C 72 -12.12 2.31 23.25
CA GLU C 72 -10.97 2.62 22.41
C GLU C 72 -10.96 1.68 21.22
N GLY C 73 -10.62 2.18 20.05
CA GLY C 73 -10.23 1.25 18.98
C GLY C 73 -11.35 0.87 18.04
N VAL C 74 -12.53 1.44 18.25
CA VAL C 74 -13.67 1.17 17.39
C VAL C 74 -14.39 2.44 17.03
N THR C 75 -15.18 2.38 15.98
CA THR C 75 -16.00 3.53 15.56
C THR C 75 -17.44 3.25 16.02
N VAL C 76 -18.00 4.07 16.91
CA VAL C 76 -19.39 3.85 17.40
C VAL C 76 -20.33 4.72 16.62
N VAL C 77 -21.42 4.12 16.16
CA VAL C 77 -22.44 4.86 15.38
C VAL C 77 -23.79 4.62 15.99
N ALA C 78 -24.68 5.58 15.82
CA ALA C 78 -25.96 5.50 16.52
C ALA C 78 -27.12 5.04 15.65
N THR C 79 -26.90 4.83 14.35
CA THR C 79 -27.95 4.25 13.52
C THR C 79 -27.32 3.35 12.47
N LEU C 80 -28.15 2.46 11.90
CA LEU C 80 -27.69 1.60 10.80
C LEU C 80 -27.21 2.39 9.57
N GLU C 81 -27.92 3.49 9.28
CA GLU C 81 -27.57 4.31 8.15
C GLU C 81 -26.17 4.88 8.39
N ASP C 82 -25.87 5.26 9.61
CA ASP C 82 -24.54 5.84 9.87
C ASP C 82 -23.46 4.76 9.83
N ALA C 83 -23.81 3.53 10.21
CA ALA C 83 -22.91 2.39 10.01
C ALA C 83 -22.50 2.20 8.54
N VAL C 84 -23.46 2.22 7.62
CA VAL C 84 -23.18 2.16 6.19
C VAL C 84 -22.24 3.30 5.71
N VAL C 85 -22.49 4.52 6.15
CA VAL C 85 -21.61 5.62 5.81
C VAL C 85 -20.24 5.34 6.36
N ALA C 86 -20.17 4.85 7.59
CA ALA C 86 -18.83 4.65 8.20
C ALA C 86 -18.01 3.59 7.47
N ALA C 87 -18.71 2.62 6.91
CA ALA C 87 -18.08 1.56 6.13
C ALA C 87 -17.48 2.02 4.82
N GLY C 88 -18.02 3.11 4.29
CA GLY C 88 -17.47 3.73 3.08
C GLY C 88 -17.80 2.96 1.83
N ASP C 89 -17.32 3.41 0.68
CA ASP C 89 -17.70 2.78 -0.58
C ASP C 89 -16.81 1.57 -0.90
N VAL C 90 -16.88 0.52 -0.07
CA VAL C 90 -16.06 -0.65 -0.28
C VAL C 90 -16.88 -1.76 -0.94
N GLU C 91 -16.22 -2.84 -1.32
CA GLU C 91 -16.85 -3.93 -2.05
C GLU C 91 -17.91 -4.65 -1.21
N GLU C 92 -17.61 -4.84 0.06
CA GLU C 92 -18.46 -5.76 0.87
C GLU C 92 -18.38 -5.36 2.35
N LEU C 93 -19.51 -5.29 3.06
CA LEU C 93 -19.42 -5.09 4.50
C LEU C 93 -19.93 -6.34 5.17
N MET C 94 -19.37 -6.66 6.34
CA MET C 94 -19.77 -7.87 7.07
C MET C 94 -20.50 -7.55 8.36
N ILE C 95 -21.77 -7.96 8.49
CA ILE C 95 -22.49 -7.79 9.75
C ILE C 95 -22.15 -9.03 10.55
N ILE C 96 -21.56 -8.85 11.74
CA ILE C 96 -21.10 -9.98 12.54
C ILE C 96 -21.94 -10.24 13.77
N GLY C 97 -23.12 -9.66 13.83
CA GLY C 97 -24.00 -10.00 14.98
C GLY C 97 -24.26 -8.78 15.86
N GLY C 98 -25.13 -8.93 16.86
CA GLY C 98 -25.74 -10.19 17.24
C GLY C 98 -27.17 -10.29 16.75
N ALA C 99 -28.08 -10.96 17.48
CA ALA C 99 -29.42 -11.18 16.94
C ALA C 99 -30.12 -9.90 16.55
N THR C 100 -30.06 -8.86 17.39
CA THR C 100 -30.71 -7.61 17.01
C THR C 100 -30.27 -7.07 15.68
N ILE C 101 -28.97 -7.09 15.40
CA ILE C 101 -28.50 -6.56 14.13
C ILE C 101 -28.82 -7.47 12.98
N TYR C 102 -28.69 -8.77 13.16
CA TYR C 102 -29.10 -9.67 12.10
C TYR C 102 -30.61 -9.48 11.76
N ASN C 103 -31.43 -9.32 12.80
CA ASN C 103 -32.90 -9.13 12.60
C ASN C 103 -33.12 -7.90 11.72
N GLN C 104 -32.42 -6.81 12.05
CA GLN C 104 -32.68 -5.54 11.39
C GLN C 104 -32.20 -5.53 9.95
N CYS C 105 -31.19 -6.34 9.67
CA CYS C 105 -30.50 -6.29 8.39
C CYS C 105 -30.78 -7.43 7.44
N LEU C 106 -31.42 -8.50 7.92
CA LEU C 106 -31.72 -9.64 7.07
C LEU C 106 -32.37 -9.27 5.74
N ALA C 107 -33.43 -8.45 5.79
CA ALA C 107 -34.15 -8.07 4.57
C ALA C 107 -33.28 -7.36 3.55
N ALA C 108 -32.16 -6.77 3.99
CA ALA C 108 -31.26 -6.06 3.09
C ALA C 108 -30.05 -6.90 2.67
N ALA C 109 -29.88 -8.09 3.23
CA ALA C 109 -28.63 -8.81 3.03
C ALA C 109 -28.57 -9.44 1.64
N ASP C 110 -27.40 -9.31 1.03
CA ASP C 110 -27.15 -9.97 -0.23
C ASP C 110 -26.57 -11.38 -0.03
N ARG C 111 -25.84 -11.57 1.07
CA ARG C 111 -25.12 -12.86 1.30
C ARG C 111 -25.20 -13.20 2.72
N LEU C 112 -25.32 -14.50 2.99
CA LEU C 112 -25.16 -14.99 4.39
C LEU C 112 -24.00 -16.01 4.38
N TYR C 113 -23.03 -15.79 5.26
CA TYR C 113 -21.96 -16.75 5.47
C TYR C 113 -22.31 -17.55 6.71
N LEU C 114 -22.88 -18.74 6.55
CA LEU C 114 -23.43 -19.46 7.71
C LEU C 114 -22.57 -20.70 8.01
N THR C 115 -22.18 -20.82 9.25
CA THR C 115 -21.58 -22.09 9.69
C THR C 115 -22.64 -22.81 10.49
N HIS C 116 -22.92 -24.07 10.15
CA HIS C 116 -23.92 -24.81 10.87
C HIS C 116 -23.23 -25.82 11.73
N ILE C 117 -23.45 -25.75 13.04
CA ILE C 117 -22.76 -26.67 13.93
C ILE C 117 -23.72 -27.79 14.33
N GLU C 118 -23.24 -29.05 14.30
CA GLU C 118 -24.17 -30.17 14.61
C GLU C 118 -24.16 -30.34 16.14
N LEU C 119 -25.04 -29.62 16.81
CA LEU C 119 -25.02 -29.48 18.28
C LEU C 119 -26.38 -28.96 18.69
N THR C 120 -27.02 -29.64 19.65
CA THR C 120 -28.24 -29.08 20.26
C THR C 120 -27.84 -28.50 21.63
N THR C 121 -28.04 -27.19 21.82
CA THR C 121 -27.61 -26.51 23.05
C THR C 121 -28.68 -25.45 23.33
N GLU C 122 -28.92 -25.17 24.60
CA GLU C 122 -29.88 -24.14 24.96
C GLU C 122 -29.35 -22.76 24.57
N GLY C 123 -30.24 -21.86 24.17
CA GLY C 123 -29.82 -20.50 23.88
C GLY C 123 -30.66 -19.43 24.56
N ASP C 124 -30.16 -18.18 24.45
CA ASP C 124 -31.03 -17.00 24.71
C ASP C 124 -30.93 -15.99 23.57
N THR C 125 -30.32 -16.37 22.44
CA THR C 125 -30.24 -15.47 21.28
C THR C 125 -30.31 -16.41 20.06
N TRP C 126 -31.10 -16.04 19.02
CA TRP C 126 -31.25 -16.91 17.86
C TRP C 126 -31.03 -16.10 16.56
N PHE C 127 -30.51 -16.75 15.52
CA PHE C 127 -30.43 -16.12 14.23
C PHE C 127 -31.85 -16.02 13.65
N PRO C 128 -32.12 -14.98 12.85
CA PRO C 128 -33.47 -14.84 12.27
C PRO C 128 -33.83 -16.01 11.38
N ASP C 129 -35.13 -16.13 11.06
CA ASP C 129 -35.59 -17.18 10.20
C ASP C 129 -35.31 -16.84 8.73
N TYR C 130 -34.05 -17.00 8.29
CA TYR C 130 -33.66 -16.64 6.96
C TYR C 130 -34.37 -17.50 5.88
N GLU C 131 -34.89 -18.68 6.28
CA GLU C 131 -35.54 -19.50 5.26
C GLU C 131 -36.91 -19.00 4.84
N GLN C 132 -37.36 -17.91 5.44
CA GLN C 132 -38.57 -17.23 4.94
C GLN C 132 -38.31 -16.62 3.56
N TYR C 133 -37.01 -16.42 3.24
CA TYR C 133 -36.59 -15.91 1.92
C TYR C 133 -35.93 -17.03 1.11
N ASN C 134 -35.73 -16.76 -0.19
CA ASN C 134 -35.06 -17.65 -1.10
C ASN C 134 -33.55 -17.30 -1.23
N TRP C 135 -32.75 -18.35 -1.31
CA TRP C 135 -31.27 -18.26 -1.33
C TRP C 135 -30.71 -19.32 -2.27
N GLN C 136 -29.61 -18.99 -2.91
CA GLN C 136 -28.83 -20.03 -3.59
C GLN C 136 -27.46 -20.27 -2.90
N GLU C 137 -27.11 -21.54 -2.63
CA GLU C 137 -25.80 -21.82 -2.05
C GLU C 137 -24.75 -21.77 -3.13
N ILE C 138 -23.70 -20.99 -2.88
CA ILE C 138 -22.67 -20.68 -3.88
C ILE C 138 -21.45 -21.46 -3.52
N GLU C 139 -21.32 -21.75 -2.24
CA GLU C 139 -20.26 -22.68 -1.88
C GLU C 139 -20.52 -23.30 -0.54
N HIS C 140 -19.82 -24.39 -0.28
CA HIS C 140 -20.07 -25.18 0.91
C HIS C 140 -18.86 -26.03 1.24
N GLU C 141 -18.69 -26.29 2.53
CA GLU C 141 -17.59 -27.15 2.98
C GLU C 141 -17.95 -27.83 4.28
N SER C 142 -17.46 -29.03 4.52
CA SER C 142 -17.84 -29.75 5.73
C SER C 142 -16.57 -29.97 6.51
N TYR C 143 -16.68 -29.88 7.82
CA TYR C 143 -15.50 -30.07 8.65
C TYR C 143 -15.87 -31.10 9.72
N ALA C 144 -15.07 -32.15 9.80
CA ALA C 144 -15.37 -33.19 10.75
C ALA C 144 -14.80 -32.83 12.12
N ALA C 145 -15.45 -33.29 13.16
CA ALA C 145 -14.93 -33.05 14.50
C ALA C 145 -13.53 -33.67 14.64
N ASP C 146 -12.68 -33.05 15.46
CA ASP C 146 -11.31 -33.53 15.59
C ASP C 146 -10.84 -33.31 17.01
N ASP C 147 -9.53 -33.43 17.23
CA ASP C 147 -9.04 -33.33 18.60
C ASP C 147 -9.15 -31.98 19.25
N LYS C 148 -9.32 -30.90 18.48
CA LYS C 148 -9.46 -29.59 19.08
C LYS C 148 -10.87 -29.02 18.95
N ASN C 149 -11.69 -29.72 18.17
CA ASN C 149 -13.02 -29.22 17.84
C ASN C 149 -14.04 -30.36 17.94
N PRO C 150 -14.84 -30.35 19.03
CA PRO C 150 -15.61 -31.57 19.32
C PRO C 150 -16.95 -31.78 18.57
N HIS C 151 -17.32 -30.87 17.67
CA HIS C 151 -18.56 -31.00 16.93
C HIS C 151 -18.27 -30.90 15.44
N ASN C 152 -19.00 -31.66 14.65
CA ASN C 152 -18.95 -31.49 13.19
C ASN C 152 -19.60 -30.13 12.89
N TYR C 153 -19.10 -29.52 11.83
CA TYR C 153 -19.78 -28.29 11.34
C TYR C 153 -19.62 -28.12 9.83
N ARG C 154 -20.43 -27.24 9.23
CA ARG C 154 -20.46 -27.16 7.76
C ARG C 154 -20.62 -25.68 7.46
N PHE C 155 -19.91 -25.21 6.45
CA PHE C 155 -20.01 -23.81 6.05
C PHE C 155 -20.88 -23.76 4.81
N SER C 156 -21.73 -22.73 4.73
CA SER C 156 -22.60 -22.56 3.59
C SER C 156 -22.56 -21.04 3.21
N LEU C 157 -22.22 -20.72 1.95
CA LEU C 157 -22.29 -19.31 1.56
C LEU C 157 -23.58 -19.18 0.70
N LEU C 158 -24.53 -18.41 1.20
CA LEU C 158 -25.80 -18.25 0.51
C LEU C 158 -25.92 -16.87 -0.13
N GLU C 159 -26.52 -16.81 -1.35
CA GLU C 159 -26.77 -15.52 -1.97
C GLU C 159 -28.25 -15.34 -2.13
N ARG C 160 -28.73 -14.11 -1.86
CA ARG C 160 -30.19 -13.88 -1.88
C ARG C 160 -30.73 -13.98 -3.29
N VAL C 161 -31.88 -14.65 -3.41
CA VAL C 161 -32.56 -14.79 -4.69
C VAL C 161 -33.92 -14.08 -4.52
N MET D 1 13.19 -23.96 -40.69
CA MET D 1 11.88 -23.87 -40.06
C MET D 1 11.99 -22.93 -38.84
N ILE D 2 11.42 -21.74 -38.93
CA ILE D 2 11.31 -20.82 -37.78
C ILE D 2 10.22 -21.28 -36.78
N VAL D 3 10.55 -21.37 -35.47
CA VAL D 3 9.58 -21.80 -34.46
C VAL D 3 9.16 -20.50 -33.77
N SER D 4 7.93 -20.09 -34.01
CA SER D 4 7.40 -18.83 -33.49
C SER D 4 6.28 -19.12 -32.53
N MET D 5 6.14 -18.28 -31.47
CA MET D 5 5.01 -18.43 -30.57
C MET D 5 4.22 -17.14 -30.60
N ILE D 6 2.90 -17.24 -30.59
CA ILE D 6 2.07 -16.01 -30.67
C ILE D 6 1.13 -16.07 -29.47
N ALA D 7 1.00 -14.96 -28.76
CA ALA D 7 0.16 -14.92 -27.54
C ALA D 7 -0.31 -13.49 -27.25
N ALA D 8 -1.48 -13.36 -26.60
CA ALA D 8 -1.90 -12.06 -26.11
C ALA D 8 -1.85 -12.03 -24.61
N LEU D 9 -1.10 -11.09 -24.03
CA LEU D 9 -0.87 -11.09 -22.57
C LEU D 9 -1.53 -9.87 -21.96
N ALA D 10 -2.38 -10.09 -20.98
CA ALA D 10 -2.78 -8.96 -20.12
C ALA D 10 -1.63 -8.69 -19.08
N ASN D 11 -1.87 -7.76 -18.19
CA ASN D 11 -0.84 -7.45 -17.20
C ASN D 11 -0.46 -8.72 -16.42
N ASN D 12 0.77 -8.71 -15.94
CA ASN D 12 1.29 -9.89 -15.22
C ASN D 12 1.30 -11.17 -16.01
N ARG D 13 1.32 -11.06 -17.32
CA ARG D 13 1.38 -12.21 -18.24
C ARG D 13 0.15 -13.11 -18.22
N VAL D 14 -1.00 -12.64 -17.68
CA VAL D 14 -2.24 -13.46 -17.73
C VAL D 14 -2.67 -13.71 -19.15
N ILE D 15 -2.93 -14.99 -19.44
CA ILE D 15 -3.45 -15.38 -20.76
C ILE D 15 -4.82 -16.06 -20.71
N GLY D 16 -5.28 -16.54 -19.55
CA GLY D 16 -6.48 -17.36 -19.57
C GLY D 16 -7.14 -17.39 -18.21
N LEU D 17 -8.44 -17.73 -18.21
CA LEU D 17 -9.18 -17.94 -16.97
C LEU D 17 -10.35 -18.86 -17.37
N ASP D 18 -10.50 -20.00 -16.66
CA ASP D 18 -11.66 -20.88 -16.88
C ASP D 18 -11.77 -21.40 -18.30
N ASN D 19 -10.61 -21.69 -18.86
CA ASN D 19 -10.44 -22.16 -20.26
C ASN D 19 -10.99 -21.23 -21.31
N LYS D 20 -11.08 -19.96 -20.98
CA LYS D 20 -11.44 -18.92 -21.96
C LYS D 20 -10.47 -17.73 -21.88
N MET D 21 -10.56 -16.75 -22.79
CA MET D 21 -9.75 -15.57 -22.55
C MET D 21 -10.55 -14.53 -21.84
N PRO D 22 -9.97 -13.91 -20.84
CA PRO D 22 -10.83 -13.15 -19.94
C PRO D 22 -10.98 -11.69 -20.39
N TRP D 23 -11.18 -11.49 -21.70
CA TRP D 23 -11.44 -10.15 -22.22
C TRP D 23 -12.23 -10.23 -23.50
N HIS D 24 -12.85 -9.08 -23.84
CA HIS D 24 -13.52 -8.91 -25.12
C HIS D 24 -12.67 -7.95 -25.95
N LEU D 25 -12.14 -8.42 -27.10
CA LEU D 25 -11.17 -7.60 -27.86
C LEU D 25 -11.10 -8.09 -29.29
N PRO D 26 -12.17 -7.84 -30.07
CA PRO D 26 -12.21 -8.48 -31.40
C PRO D 26 -11.10 -8.10 -32.36
N ALA D 27 -10.62 -6.86 -32.29
CA ALA D 27 -9.53 -6.45 -33.18
C ALA D 27 -8.30 -7.29 -32.94
N GLU D 28 -8.09 -7.76 -31.72
CA GLU D 28 -6.90 -8.56 -31.45
C GLU D 28 -7.02 -9.92 -32.11
N LEU D 29 -8.23 -10.49 -32.18
CA LEU D 29 -8.39 -11.74 -32.93
C LEU D 29 -8.07 -11.49 -34.40
N GLN D 30 -8.38 -10.32 -34.93
CA GLN D 30 -7.99 -10.07 -36.31
C GLN D 30 -6.48 -9.98 -36.50
N LEU D 31 -5.76 -9.46 -35.51
CA LEU D 31 -4.32 -9.42 -35.55
C LEU D 31 -3.77 -10.86 -35.54
N PHE D 32 -4.32 -11.69 -34.66
CA PHE D 32 -3.91 -13.09 -34.61
C PHE D 32 -4.17 -13.77 -35.95
N LYS D 33 -5.37 -13.54 -36.50
CA LYS D 33 -5.63 -14.12 -37.83
C LYS D 33 -4.61 -13.65 -38.89
N ARG D 34 -4.33 -12.35 -38.94
CA ARG D 34 -3.31 -11.90 -39.92
C ARG D 34 -1.96 -12.58 -39.80
N ALA D 35 -1.54 -12.82 -38.56
CA ALA D 35 -0.24 -13.37 -38.30
C ALA D 35 -0.14 -14.88 -38.53
N THR D 36 -1.28 -15.60 -38.52
CA THR D 36 -1.29 -17.05 -38.59
C THR D 36 -1.78 -17.62 -39.95
N LEU D 37 -2.54 -16.81 -40.72
CA LEU D 37 -3.14 -17.33 -41.95
C LEU D 37 -2.07 -17.93 -42.84
N GLY D 38 -2.35 -19.10 -43.39
CA GLY D 38 -1.38 -19.68 -44.31
C GLY D 38 -0.19 -20.37 -43.68
N LYS D 39 -0.18 -20.47 -42.34
CA LYS D 39 0.87 -21.18 -41.58
C LYS D 39 0.24 -22.31 -40.78
N PRO D 40 1.01 -23.37 -40.48
CA PRO D 40 0.48 -24.39 -39.58
C PRO D 40 0.48 -23.82 -38.16
N ILE D 41 -0.54 -24.16 -37.40
CA ILE D 41 -0.70 -23.69 -36.01
C ILE D 41 -0.69 -24.89 -35.08
N VAL D 42 0.09 -24.82 -34.00
CA VAL D 42 0.18 -25.96 -33.10
C VAL D 42 -0.37 -25.48 -31.76
N MET D 43 -1.27 -26.26 -31.16
CA MET D 43 -1.87 -25.84 -29.91
C MET D 43 -2.02 -27.07 -28.99
N GLY D 44 -2.15 -26.82 -27.69
CA GLY D 44 -2.54 -27.89 -26.78
C GLY D 44 -4.03 -28.22 -26.87
N ARG D 45 -4.38 -29.37 -26.28
CA ARG D 45 -5.77 -29.78 -26.29
C ARG D 45 -6.72 -28.76 -25.66
N ASN D 46 -6.33 -28.13 -24.54
CA ASN D 46 -7.29 -27.22 -23.91
C ASN D 46 -7.56 -26.00 -24.74
N THR D 47 -6.53 -25.53 -25.44
CA THR D 47 -6.69 -24.41 -26.33
C THR D 47 -7.64 -24.73 -27.47
N PHE D 48 -7.50 -25.93 -28.02
CA PHE D 48 -8.43 -26.30 -29.11
C PHE D 48 -9.86 -26.30 -28.60
N GLU D 49 -10.07 -26.86 -27.41
CA GLU D 49 -11.40 -26.90 -26.83
C GLU D 49 -11.90 -25.45 -26.54
N SER D 50 -10.99 -24.54 -26.18
CA SER D 50 -11.37 -23.15 -25.94
C SER D 50 -11.81 -22.47 -27.22
N ILE D 51 -11.08 -22.75 -28.31
CA ILE D 51 -11.38 -22.12 -29.58
C ILE D 51 -12.70 -22.65 -30.07
N GLY D 52 -12.89 -23.96 -29.98
CA GLY D 52 -14.19 -24.56 -30.13
C GLY D 52 -14.48 -25.05 -31.55
N ARG D 53 -13.57 -24.77 -32.45
CA ARG D 53 -13.67 -25.27 -33.83
C ARG D 53 -12.32 -25.19 -34.51
N PRO D 54 -12.15 -25.91 -35.65
CA PRO D 54 -10.90 -25.72 -36.37
C PRO D 54 -10.84 -24.34 -36.97
N LEU D 55 -9.67 -23.74 -37.05
CA LEU D 55 -9.59 -22.41 -37.65
C LEU D 55 -9.31 -22.54 -39.14
N PRO D 56 -10.21 -22.01 -40.01
CA PRO D 56 -10.02 -22.22 -41.46
C PRO D 56 -8.76 -21.56 -41.94
N GLY D 57 -8.22 -22.02 -43.08
CA GLY D 57 -7.08 -21.36 -43.70
C GLY D 57 -5.76 -21.75 -43.08
N ARG D 58 -5.81 -22.67 -42.12
CA ARG D 58 -4.60 -23.03 -41.39
C ARG D 58 -4.65 -24.51 -41.15
N LEU D 59 -3.50 -25.18 -41.25
CA LEU D 59 -3.44 -26.56 -40.80
C LEU D 59 -3.42 -26.54 -39.25
N ASN D 60 -4.43 -27.13 -38.60
CA ASN D 60 -4.53 -27.11 -37.13
C ASN D 60 -3.98 -28.40 -36.55
N ILE D 61 -2.91 -28.29 -35.73
CA ILE D 61 -2.26 -29.47 -35.17
C ILE D 61 -2.54 -29.37 -33.66
N VAL D 62 -3.08 -30.43 -33.05
CA VAL D 62 -3.46 -30.32 -31.66
C VAL D 62 -2.68 -31.39 -30.91
N LEU D 63 -2.02 -31.00 -29.82
CA LEU D 63 -1.29 -31.96 -28.98
C LEU D 63 -2.21 -32.65 -27.96
N SER D 64 -2.23 -34.00 -27.97
CA SER D 64 -2.92 -34.77 -26.94
C SER D 64 -2.28 -36.14 -26.83
N ARG D 65 -2.16 -36.63 -25.59
CA ARG D 65 -1.69 -38.02 -25.36
C ARG D 65 -2.84 -39.04 -25.29
N GLN D 66 -4.05 -38.56 -25.45
CA GLN D 66 -5.21 -39.43 -25.45
C GLN D 66 -5.45 -40.03 -26.84
N THR D 67 -5.18 -41.34 -27.00
CA THR D 67 -5.26 -42.04 -28.28
C THR D 67 -6.63 -41.90 -28.99
N ASP D 68 -7.73 -42.01 -28.25
CA ASP D 68 -9.04 -41.96 -28.86
C ASP D 68 -9.59 -40.53 -29.03
N TYR D 69 -8.76 -39.52 -28.83
CA TYR D 69 -9.22 -38.12 -28.97
C TYR D 69 -8.96 -37.68 -30.41
N GLN D 70 -10.01 -37.46 -31.19
CA GLN D 70 -9.83 -37.14 -32.61
C GLN D 70 -10.95 -36.21 -33.06
N PRO D 71 -10.90 -34.95 -32.65
CA PRO D 71 -11.98 -34.04 -33.06
C PRO D 71 -11.94 -33.88 -34.59
N GLU D 72 -13.09 -33.60 -35.19
CA GLU D 72 -13.14 -33.43 -36.63
C GLU D 72 -12.34 -32.17 -37.07
N GLY D 73 -11.59 -32.26 -38.15
CA GLY D 73 -11.07 -31.04 -38.75
C GLY D 73 -9.73 -30.58 -38.24
N VAL D 74 -9.14 -31.38 -37.37
CA VAL D 74 -7.78 -31.11 -36.91
C VAL D 74 -6.91 -32.35 -36.93
N THR D 75 -5.61 -32.13 -36.90
CA THR D 75 -4.65 -33.24 -36.83
C THR D 75 -4.15 -33.37 -35.42
N VAL D 76 -4.38 -34.52 -34.80
CA VAL D 76 -3.94 -34.71 -33.42
C VAL D 76 -2.59 -35.44 -33.40
N VAL D 77 -1.69 -34.98 -32.55
CA VAL D 77 -0.37 -35.61 -32.47
C VAL D 77 -0.02 -35.81 -31.00
N ALA D 78 0.82 -36.81 -30.70
CA ALA D 78 1.04 -37.19 -29.30
C ALA D 78 2.32 -36.67 -28.72
N THR D 79 3.15 -36.01 -29.52
CA THR D 79 4.41 -35.41 -29.05
C THR D 79 4.72 -34.12 -29.80
N LEU D 80 5.54 -33.27 -29.19
CA LEU D 80 6.01 -32.07 -29.84
C LEU D 80 6.82 -32.42 -31.10
N GLU D 81 7.61 -33.49 -31.05
CA GLU D 81 8.35 -33.90 -32.25
C GLU D 81 7.41 -34.25 -33.41
N ASP D 82 6.29 -34.90 -33.10
CA ASP D 82 5.34 -35.30 -34.12
C ASP D 82 4.63 -34.08 -34.67
N ALA D 83 4.47 -33.04 -33.81
CA ALA D 83 3.82 -31.81 -34.26
C ALA D 83 4.72 -31.18 -35.31
N VAL D 84 6.02 -31.21 -35.08
CA VAL D 84 6.94 -30.61 -36.04
C VAL D 84 6.86 -31.36 -37.38
N VAL D 85 6.82 -32.68 -37.30
CA VAL D 85 6.69 -33.49 -38.51
C VAL D 85 5.34 -33.19 -39.24
N ALA D 86 4.25 -33.11 -38.48
CA ALA D 86 2.96 -32.75 -39.09
C ALA D 86 2.94 -31.39 -39.80
N ALA D 87 3.73 -30.44 -39.30
CA ALA D 87 3.81 -29.10 -39.88
C ALA D 87 4.48 -29.09 -41.25
N GLY D 88 5.33 -30.09 -41.50
CA GLY D 88 6.04 -30.21 -42.76
C GLY D 88 7.21 -29.22 -42.96
N ASP D 89 7.84 -29.23 -44.13
CA ASP D 89 9.03 -28.39 -44.24
C ASP D 89 8.72 -26.96 -44.72
N VAL D 90 8.05 -26.18 -43.88
CA VAL D 90 7.55 -24.86 -44.27
C VAL D 90 8.45 -23.81 -43.60
N GLU D 91 8.25 -22.53 -43.91
CA GLU D 91 9.19 -21.50 -43.45
C GLU D 91 9.05 -21.29 -41.93
N GLU D 92 7.83 -21.46 -41.44
CA GLU D 92 7.51 -20.98 -40.06
C GLU D 92 6.29 -21.70 -39.49
N LEU D 93 6.40 -22.14 -38.24
CA LEU D 93 5.24 -22.71 -37.61
C LEU D 93 4.87 -21.81 -36.43
N MET D 94 3.59 -21.76 -36.12
CA MET D 94 3.08 -20.86 -35.06
C MET D 94 2.51 -21.68 -33.90
N ILE D 95 3.14 -21.57 -32.74
CA ILE D 95 2.57 -22.16 -31.52
C ILE D 95 1.59 -21.17 -30.96
N ILE D 96 0.35 -21.59 -30.76
CA ILE D 96 -0.67 -20.62 -30.41
C ILE D 96 -1.21 -20.85 -29.04
N GLY D 97 -0.53 -21.72 -28.28
CA GLY D 97 -0.85 -21.84 -26.83
C GLY D 97 -1.29 -23.26 -26.51
N GLY D 98 -1.63 -23.56 -25.26
CA GLY D 98 -1.77 -22.59 -24.18
C GLY D 98 -0.51 -22.59 -23.28
N ALA D 99 -0.69 -22.32 -21.98
CA ALA D 99 0.50 -22.17 -21.13
C ALA D 99 1.43 -23.38 -21.16
N THR D 100 0.84 -24.58 -21.14
CA THR D 100 1.68 -25.79 -21.11
C THR D 100 2.58 -25.86 -22.35
N ILE D 101 2.02 -25.53 -23.50
CA ILE D 101 2.82 -25.59 -24.73
C ILE D 101 3.82 -24.48 -24.79
N TYR D 102 3.45 -23.27 -24.39
CA TYR D 102 4.40 -22.16 -24.46
C TYR D 102 5.56 -22.49 -23.50
N ASN D 103 5.25 -23.09 -22.36
CA ASN D 103 6.32 -23.40 -21.38
C ASN D 103 7.31 -24.38 -21.98
N GLN D 104 6.80 -25.40 -22.66
CA GLN D 104 7.65 -26.44 -23.26
C GLN D 104 8.50 -25.97 -24.42
N CYS D 105 8.04 -24.95 -25.12
CA CYS D 105 8.64 -24.53 -26.40
C CYS D 105 9.40 -23.22 -26.32
N LEU D 106 9.33 -22.50 -25.19
CA LEU D 106 9.96 -21.20 -25.08
C LEU D 106 11.44 -21.26 -25.37
N ALA D 107 12.09 -22.26 -24.79
CA ALA D 107 13.53 -22.35 -24.91
C ALA D 107 13.96 -22.54 -26.37
N ALA D 108 13.09 -23.15 -27.15
CA ALA D 108 13.34 -23.38 -28.60
C ALA D 108 12.81 -22.29 -29.54
N ALA D 109 12.05 -21.34 -29.01
CA ALA D 109 11.43 -20.31 -29.88
C ALA D 109 12.43 -19.36 -30.52
N ASP D 110 12.26 -19.17 -31.83
CA ASP D 110 13.03 -18.16 -32.54
C ASP D 110 12.43 -16.76 -32.46
N ARG D 111 11.10 -16.72 -32.37
CA ARG D 111 10.38 -15.45 -32.43
C ARG D 111 9.20 -15.49 -31.52
N LEU D 112 8.81 -14.36 -30.98
CA LEU D 112 7.55 -14.23 -30.25
C LEU D 112 6.73 -13.11 -30.83
N TYR D 113 5.44 -13.40 -31.10
CA TYR D 113 4.51 -12.39 -31.58
C TYR D 113 3.67 -12.09 -30.36
N LEU D 114 3.98 -11.00 -29.65
CA LEU D 114 3.26 -10.74 -28.40
C LEU D 114 2.33 -9.56 -28.56
N THR D 115 1.08 -9.69 -28.10
CA THR D 115 0.27 -8.52 -27.92
C THR D 115 0.15 -8.25 -26.47
N HIS D 116 0.45 -7.05 -26.06
CA HIS D 116 0.27 -6.70 -24.65
C HIS D 116 -0.98 -5.87 -24.50
N ILE D 117 -1.88 -6.38 -23.66
CA ILE D 117 -3.19 -5.75 -23.49
C ILE D 117 -3.16 -4.97 -22.21
N GLU D 118 -3.53 -3.71 -22.30
CA GLU D 118 -3.56 -2.85 -21.09
C GLU D 118 -4.78 -3.12 -20.21
N LEU D 119 -4.68 -4.15 -19.36
CA LEU D 119 -5.79 -4.65 -18.56
C LEU D 119 -5.23 -5.47 -17.42
N THR D 120 -5.74 -5.25 -16.18
CA THR D 120 -5.38 -6.11 -15.07
C THR D 120 -6.60 -6.97 -14.80
N THR D 121 -6.40 -8.28 -14.90
CA THR D 121 -7.47 -9.24 -14.81
C THR D 121 -6.96 -10.48 -14.05
N GLU D 122 -7.88 -11.15 -13.34
CA GLU D 122 -7.59 -12.44 -12.67
C GLU D 122 -7.25 -13.47 -13.77
N GLY D 123 -6.30 -14.35 -13.47
CA GLY D 123 -5.98 -15.41 -14.41
C GLY D 123 -5.91 -16.78 -13.72
N ASP D 124 -5.95 -17.83 -14.52
CA ASP D 124 -5.52 -19.16 -14.09
C ASP D 124 -4.51 -19.78 -15.03
N THR D 125 -3.98 -18.99 -15.98
CA THR D 125 -2.98 -19.49 -16.92
C THR D 125 -2.13 -18.27 -17.28
N TRP D 126 -0.80 -18.44 -17.29
CA TRP D 126 0.08 -17.29 -17.55
C TRP D 126 1.05 -17.67 -18.62
N PHE D 127 1.46 -16.68 -19.40
CA PHE D 127 2.57 -16.90 -20.37
C PHE D 127 3.89 -17.09 -19.57
N PRO D 128 4.86 -17.80 -20.14
CA PRO D 128 6.12 -18.06 -19.37
C PRO D 128 6.90 -16.76 -19.21
N ASP D 129 7.88 -16.77 -18.30
CA ASP D 129 8.74 -15.62 -18.11
C ASP D 129 9.80 -15.45 -19.21
N TYR D 130 9.35 -15.05 -20.39
CA TYR D 130 10.24 -14.91 -21.52
C TYR D 130 11.39 -13.91 -21.29
N GLU D 131 11.23 -12.97 -20.36
CA GLU D 131 12.30 -11.98 -20.11
C GLU D 131 13.48 -12.59 -19.40
N GLN D 132 13.39 -13.84 -18.98
CA GLN D 132 14.62 -14.51 -18.50
C GLN D 132 15.59 -14.70 -19.66
N TYR D 133 15.14 -14.58 -20.91
CA TYR D 133 16.03 -14.65 -22.08
C TYR D 133 16.22 -13.27 -22.70
N ASN D 134 17.11 -13.17 -23.67
CA ASN D 134 17.27 -11.88 -24.37
C ASN D 134 16.65 -11.86 -25.78
N TRP D 135 16.05 -10.71 -26.11
CA TRP D 135 15.34 -10.58 -27.35
C TRP D 135 15.70 -9.25 -28.05
N GLN D 136 15.41 -9.19 -29.33
CA GLN D 136 15.49 -7.93 -30.09
C GLN D 136 14.12 -7.70 -30.74
N GLU D 137 13.56 -6.52 -30.56
CA GLU D 137 12.26 -6.20 -31.15
C GLU D 137 12.43 -5.75 -32.60
N ILE D 138 11.71 -6.39 -33.52
CA ILE D 138 11.82 -6.03 -34.92
C ILE D 138 10.55 -5.41 -35.49
N GLU D 139 9.43 -5.47 -34.77
CA GLU D 139 8.23 -4.76 -35.21
C GLU D 139 7.53 -4.29 -33.96
N HIS D 140 6.87 -3.14 -34.09
CA HIS D 140 6.24 -2.55 -32.92
C HIS D 140 5.02 -1.74 -33.39
N GLU D 141 3.80 -2.07 -32.93
CA GLU D 141 2.62 -1.32 -33.37
C GLU D 141 1.77 -1.15 -32.13
N SER D 142 1.41 0.08 -31.81
CA SER D 142 0.57 0.37 -30.63
C SER D 142 -0.85 0.73 -31.10
N TYR D 143 -1.91 0.21 -30.43
CA TYR D 143 -3.29 0.47 -30.90
C TYR D 143 -4.18 1.05 -29.79
N ALA D 144 -5.03 2.01 -30.15
CA ALA D 144 -5.89 2.63 -29.14
C ALA D 144 -7.26 1.85 -28.98
N ALA D 145 -7.76 1.81 -27.76
CA ALA D 145 -9.13 1.32 -27.57
C ALA D 145 -10.08 2.11 -28.47
N ASP D 146 -11.17 1.49 -28.85
CA ASP D 146 -12.13 2.16 -29.75
C ASP D 146 -13.52 1.64 -29.40
N ASP D 147 -14.51 1.94 -30.24
CA ASP D 147 -15.85 1.61 -29.83
C ASP D 147 -16.20 0.14 -29.97
N LYS D 148 -15.31 -0.69 -30.50
CA LYS D 148 -15.51 -2.14 -30.49
C LYS D 148 -14.52 -2.86 -29.63
N ASN D 149 -13.53 -2.12 -29.17
CA ASN D 149 -12.38 -2.72 -28.43
C ASN D 149 -12.07 -1.89 -27.19
N PRO D 150 -12.37 -2.41 -26.01
CA PRO D 150 -12.37 -1.51 -24.86
C PRO D 150 -10.99 -1.29 -24.16
N HIS D 151 -9.97 -1.96 -24.64
CA HIS D 151 -8.66 -1.85 -24.04
C HIS D 151 -7.63 -1.42 -25.09
N ASN D 152 -6.61 -0.65 -24.66
CA ASN D 152 -5.50 -0.43 -25.59
C ASN D 152 -4.68 -1.72 -25.73
N TYR D 153 -4.01 -1.91 -26.86
CA TYR D 153 -3.10 -3.08 -26.91
C TYR D 153 -1.93 -2.78 -27.83
N ARG D 154 -0.81 -3.47 -27.63
CA ARG D 154 0.45 -3.12 -28.34
C ARG D 154 0.99 -4.42 -28.85
N PHE D 155 1.37 -4.46 -30.13
CA PHE D 155 1.97 -5.62 -30.71
C PHE D 155 3.49 -5.45 -30.75
N SER D 156 4.19 -6.56 -30.45
CA SER D 156 5.66 -6.57 -30.40
C SER D 156 6.11 -7.82 -31.04
N LEU D 157 6.97 -7.72 -32.05
CA LEU D 157 7.60 -8.94 -32.64
C LEU D 157 9.03 -9.03 -32.16
N LEU D 158 9.30 -10.05 -31.33
CA LEU D 158 10.62 -10.27 -30.73
C LEU D 158 11.37 -11.40 -31.41
N GLU D 159 12.68 -11.18 -31.59
CA GLU D 159 13.53 -12.24 -32.13
C GLU D 159 14.54 -12.62 -31.06
N ARG D 160 14.75 -13.93 -30.92
CA ARG D 160 15.58 -14.42 -29.84
C ARG D 160 17.05 -14.04 -30.17
N VAL D 161 17.75 -13.56 -29.15
CA VAL D 161 19.18 -13.28 -29.20
C VAL D 161 19.84 -14.24 -28.20
#